data_1BBD
#
_entry.id   1BBD
#
_cell.length_a   59.700
_cell.length_b   86.800
_cell.length_c   128.000
_cell.angle_alpha   90.00
_cell.angle_beta   90.00
_cell.angle_gamma   90.00
#
_symmetry.space_group_name_H-M   'P 21 21 21'
#
loop_
_entity.id
_entity.type
_entity.pdbx_description
1 polymer 'IGG2A-KAPPA 8F5 FAB (LIGHT CHAIN)'
2 polymer 'IGG2A-KAPPA 8F5 FAB (HEAVY CHAIN)'
3 non-polymer 'SULFATE ION'
4 water water
#
loop_
_entity_poly.entity_id
_entity_poly.type
_entity_poly.pdbx_seq_one_letter_code
_entity_poly.pdbx_strand_id
1 'polypeptide(L)'
;DIVMTQSPSSLTVTTGEKVTMTCKSSQSLLNSRTQKNYLTWYQQKPGQSPKLLIYWASTRESGVPDRFTGSGSGTDFTLS
ISGVQAEDLAVYYCQNNYNYPLTFGAGTKLELKRADAAPTVSIFPPSSEQLTSGGASVVCFLNNFYPKDINVKWKIDGSE
RQNGVLNSWTDQDSKDSTYSMSSTLTLTKDEYERHNSYTCEATHKTSTSPIVKSFNRNEC
;
L
2 'polypeptide(L)'
;EVQLQQSGAELVRPGASVKLSCTTSGFNIKDIYIHWVKQRPEQGLEWIGRLDPANGYTKYDPKFQGKATITVDTSSNTAY
LHLSSLTSEDTAVYYCDGYYSYYDMDYWGPGTSVTVSSAKTTAPSVYPLAPVCGDTTGSSVTLGCLVKGYFPEPVTLTWN
SGSLSSGVHTFPAVLQSDLYTLSSSVTVTSSTWPSQSITCNVAHPASSTKVDKKIEPR
;
H
#
# COMPACT_ATOMS: atom_id res chain seq x y z
N ASP A 1 -14.64 -23.51 14.33
CA ASP A 1 -13.79 -22.81 13.35
C ASP A 1 -12.49 -23.59 13.14
N ILE A 2 -12.07 -23.77 11.91
CA ILE A 2 -10.75 -24.44 11.71
C ILE A 2 -9.76 -23.36 12.15
N VAL A 3 -8.60 -23.58 12.68
CA VAL A 3 -7.67 -22.51 13.05
C VAL A 3 -6.43 -22.71 12.17
N MET A 4 -6.23 -21.95 11.17
CA MET A 4 -5.07 -22.00 10.25
C MET A 4 -3.90 -21.32 10.97
N THR A 5 -2.71 -21.84 10.97
CA THR A 5 -1.52 -21.40 11.66
C THR A 5 -0.39 -21.49 10.63
N GLN A 6 0.26 -20.37 10.41
CA GLN A 6 1.34 -20.23 9.45
C GLN A 6 2.64 -19.96 10.21
N SER A 7 3.73 -20.26 9.58
CA SER A 7 5.05 -20.07 10.20
C SER A 7 6.16 -20.33 9.17
N PRO A 8 7.26 -19.61 9.23
CA PRO A 8 7.59 -18.56 10.17
C PRO A 8 6.79 -17.30 9.81
N SER A 9 6.88 -16.33 10.63
CA SER A 9 6.25 -15.04 10.55
C SER A 9 6.84 -14.13 9.50
N SER A 10 8.12 -14.24 9.30
CA SER A 10 8.95 -13.53 8.32
C SER A 10 10.15 -14.47 8.02
N LEU A 11 10.73 -14.21 6.89
CA LEU A 11 11.88 -15.07 6.48
C LEU A 11 12.79 -14.22 5.61
N THR A 12 14.08 -14.26 6.01
CA THR A 12 15.07 -13.45 5.21
C THR A 12 15.74 -14.46 4.30
N VAL A 13 15.67 -14.24 2.99
CA VAL A 13 16.21 -15.13 1.96
C VAL A 13 17.04 -14.30 1.01
N THR A 14 17.74 -14.95 0.10
CA THR A 14 18.55 -14.17 -0.80
C THR A 14 17.97 -14.25 -2.19
N THR A 15 18.12 -13.17 -2.97
CA THR A 15 17.52 -13.40 -4.33
C THR A 15 18.20 -14.67 -4.81
N GLY A 16 17.46 -15.59 -5.40
CA GLY A 16 18.13 -16.83 -5.86
C GLY A 16 17.79 -18.02 -4.99
N GLU A 17 17.84 -17.93 -3.70
CA GLU A 17 17.48 -18.95 -2.73
C GLU A 17 16.21 -19.70 -3.13
N LYS A 18 15.70 -20.50 -2.21
CA LYS A 18 14.49 -21.32 -2.45
C LYS A 18 13.92 -21.60 -1.07
N VAL A 19 12.78 -21.00 -0.87
CA VAL A 19 12.00 -20.98 0.37
C VAL A 19 10.83 -21.96 0.32
N THR A 20 10.44 -22.26 1.55
CA THR A 20 9.40 -23.16 1.93
C THR A 20 8.59 -22.66 3.13
N MET A 21 7.26 -22.53 2.99
CA MET A 21 6.52 -22.12 4.22
C MET A 21 5.40 -23.08 4.57
N THR A 22 5.03 -23.01 5.84
CA THR A 22 4.05 -23.90 6.42
C THR A 22 2.76 -23.23 6.82
N CYS A 23 1.71 -24.01 6.71
CA CYS A 23 0.33 -23.75 6.99
C CYS A 23 -0.27 -25.11 7.40
N LYS A 24 -0.64 -25.13 8.66
CA LYS A 24 -1.20 -26.22 9.42
C LYS A 24 -2.64 -25.88 9.74
N SER A 25 -3.47 -26.82 9.39
CA SER A 25 -4.93 -26.69 9.60
C SER A 25 -5.24 -27.32 10.92
N SER A 26 -6.23 -26.86 11.67
CA SER A 26 -6.49 -27.50 12.99
C SER A 26 -7.52 -28.60 12.89
N GLN A 27 -7.97 -29.01 11.77
CA GLN A 27 -8.95 -30.01 11.48
C GLN A 27 -8.69 -30.24 9.97
N SER A 28 -9.20 -31.29 9.39
CA SER A 28 -8.92 -31.68 8.02
C SER A 28 -9.70 -30.89 7.00
N LEU A 29 -8.99 -30.55 5.97
CA LEU A 29 -9.37 -29.81 4.79
C LEU A 29 -9.59 -30.75 3.61
N LEU A 30 -9.21 -32.00 3.76
CA LEU A 30 -9.37 -33.04 2.74
C LEU A 30 -10.80 -33.51 2.49
N ASN A 31 -11.30 -33.44 1.28
CA ASN A 31 -12.68 -33.87 0.93
C ASN A 31 -12.64 -35.31 0.40
N SER A 32 -13.25 -36.21 1.16
CA SER A 32 -13.28 -37.66 0.82
C SER A 32 -13.97 -37.80 -0.55
N ARG A 33 -15.13 -37.15 -0.53
CA ARG A 33 -15.98 -37.03 -1.71
C ARG A 33 -15.02 -36.95 -2.93
N THR A 34 -14.68 -35.72 -3.18
CA THR A 34 -13.84 -35.22 -4.26
C THR A 34 -12.38 -35.52 -4.18
N GLN A 35 -11.81 -35.69 -3.01
CA GLN A 35 -10.39 -35.99 -2.82
C GLN A 35 -9.47 -34.83 -3.25
N LYS A 36 -10.00 -33.70 -2.84
CA LYS A 36 -9.44 -32.37 -2.95
C LYS A 36 -9.25 -31.95 -1.47
N ASN A 37 -8.15 -31.27 -1.31
CA ASN A 37 -7.74 -30.64 -0.04
C ASN A 37 -8.00 -29.12 -0.30
N TYR A 38 -9.01 -28.52 0.20
CA TYR A 38 -9.40 -27.15 0.11
C TYR A 38 -8.57 -26.12 0.90
N LEU A 39 -7.40 -25.82 0.46
CA LEU A 39 -6.43 -24.88 1.02
C LEU A 39 -6.03 -23.87 -0.08
N THR A 40 -6.11 -22.57 0.14
CA THR A 40 -5.67 -21.63 -0.93
C THR A 40 -4.54 -20.74 -0.41
N TRP A 41 -3.65 -20.26 -1.20
CA TRP A 41 -2.54 -19.38 -0.83
C TRP A 41 -2.64 -18.03 -1.55
N TYR A 42 -2.63 -16.90 -0.85
CA TYR A 42 -2.69 -15.60 -1.58
C TYR A 42 -1.35 -14.90 -1.42
N GLN A 43 -1.02 -13.97 -2.27
CA GLN A 43 0.26 -13.24 -2.04
C GLN A 43 -0.17 -11.78 -1.94
N GLN A 44 0.28 -11.03 -0.95
CA GLN A 44 -0.14 -9.60 -0.94
C GLN A 44 1.17 -8.79 -0.94
N LYS A 45 1.43 -8.07 -1.97
CA LYS A 45 2.60 -7.19 -2.09
C LYS A 45 2.24 -5.88 -1.45
N PRO A 46 3.17 -5.10 -1.01
CA PRO A 46 2.94 -3.77 -0.38
C PRO A 46 1.95 -2.84 -1.00
N GLY A 47 0.96 -2.38 -0.25
CA GLY A 47 0.12 -1.41 -1.03
C GLY A 47 -0.67 -1.99 -2.17
N GLN A 48 -0.81 -3.31 -2.31
CA GLN A 48 -1.65 -3.97 -3.34
C GLN A 48 -2.64 -4.95 -2.73
N SER A 49 -3.69 -5.23 -3.50
CA SER A 49 -4.72 -6.19 -2.97
C SER A 49 -4.13 -7.58 -3.10
N PRO A 50 -4.62 -8.48 -2.29
CA PRO A 50 -4.12 -9.89 -2.36
C PRO A 50 -4.31 -10.41 -3.75
N LYS A 51 -3.53 -11.32 -4.20
CA LYS A 51 -3.58 -12.02 -5.51
C LYS A 51 -3.66 -13.51 -5.20
N LEU A 52 -4.45 -14.33 -5.75
CA LEU A 52 -4.57 -15.78 -5.54
C LEU A 52 -3.39 -16.43 -6.24
N LEU A 53 -2.91 -17.49 -5.63
CA LEU A 53 -1.74 -18.17 -6.21
C LEU A 53 -2.10 -19.61 -6.52
N ILE A 54 -2.74 -20.25 -5.55
CA ILE A 54 -3.09 -21.67 -5.69
C ILE A 54 -4.33 -22.16 -5.08
N TYR A 55 -5.29 -22.72 -5.80
CA TYR A 55 -6.49 -23.29 -5.15
C TYR A 55 -6.22 -24.80 -5.02
N TRP A 56 -7.01 -25.45 -4.23
CA TRP A 56 -6.95 -26.87 -3.96
C TRP A 56 -5.50 -27.33 -3.72
N ALA A 57 -4.86 -26.70 -2.77
CA ALA A 57 -3.52 -27.12 -2.34
C ALA A 57 -2.48 -27.09 -3.43
N SER A 58 -2.82 -27.18 -4.69
CA SER A 58 -1.75 -27.11 -5.69
C SER A 58 -2.19 -26.67 -7.07
N THR A 59 -3.44 -26.52 -7.36
CA THR A 59 -3.62 -26.10 -8.81
C THR A 59 -3.10 -24.67 -8.71
N ARG A 60 -2.52 -24.12 -9.71
CA ARG A 60 -2.03 -22.77 -9.72
C ARG A 60 -2.95 -22.02 -10.67
N GLU A 61 -3.50 -20.88 -10.34
CA GLU A 61 -4.39 -20.24 -11.31
C GLU A 61 -3.67 -19.57 -12.43
N SER A 62 -4.48 -19.23 -13.42
CA SER A 62 -4.07 -18.59 -14.68
C SER A 62 -3.01 -17.56 -14.44
N GLY A 63 -1.86 -17.60 -15.02
CA GLY A 63 -0.74 -16.69 -14.97
C GLY A 63 0.20 -16.92 -13.81
N VAL A 64 -0.25 -17.48 -12.65
CA VAL A 64 0.71 -17.66 -11.60
C VAL A 64 1.89 -18.47 -12.14
N PRO A 65 3.11 -18.04 -11.93
CA PRO A 65 4.32 -18.76 -12.31
C PRO A 65 4.42 -20.09 -11.55
N ASP A 66 5.34 -20.90 -12.06
CA ASP A 66 5.54 -22.20 -11.44
C ASP A 66 6.76 -22.25 -10.54
N ARG A 67 7.19 -21.14 -10.00
CA ARG A 67 8.31 -21.21 -9.01
C ARG A 67 7.50 -21.47 -7.70
N PHE A 68 6.22 -21.11 -7.83
CA PHE A 68 5.29 -21.32 -6.72
C PHE A 68 4.87 -22.80 -6.86
N THR A 69 4.66 -23.48 -5.77
CA THR A 69 4.29 -24.89 -5.83
C THR A 69 3.62 -25.29 -4.54
N GLY A 70 2.46 -25.92 -4.55
CA GLY A 70 1.87 -26.22 -3.24
C GLY A 70 1.58 -27.71 -3.15
N SER A 71 2.25 -28.32 -2.19
CA SER A 71 2.05 -29.73 -1.89
C SER A 71 1.38 -29.78 -0.52
N GLY A 72 1.15 -30.98 -0.06
CA GLY A 72 0.57 -31.22 1.28
C GLY A 72 -0.83 -31.77 1.11
N SER A 73 -1.29 -32.42 2.14
CA SER A 73 -2.64 -33.00 2.15
C SER A 73 -3.10 -33.08 3.61
N GLY A 74 -4.36 -33.21 3.92
CA GLY A 74 -4.69 -33.37 5.33
C GLY A 74 -4.58 -32.15 6.19
N THR A 75 -3.67 -32.13 7.18
CA THR A 75 -3.54 -30.96 8.06
C THR A 75 -2.21 -30.24 7.96
N ASP A 76 -1.33 -30.67 7.09
CA ASP A 76 -0.05 -29.94 6.95
C ASP A 76 0.17 -29.70 5.44
N PHE A 77 0.33 -28.43 5.14
CA PHE A 77 0.60 -27.82 3.85
C PHE A 77 1.82 -26.90 3.92
N THR A 78 2.50 -26.73 2.82
CA THR A 78 3.67 -25.89 2.68
C THR A 78 3.65 -25.23 1.29
N LEU A 79 4.22 -24.06 1.10
CA LEU A 79 4.32 -23.42 -0.23
C LEU A 79 5.83 -23.23 -0.47
N SER A 80 6.27 -23.26 -1.70
CA SER A 80 7.71 -23.11 -1.93
C SER A 80 7.89 -22.26 -3.17
N ILE A 81 8.94 -21.47 -3.07
CA ILE A 81 9.33 -20.57 -4.17
C ILE A 81 10.78 -21.02 -4.33
N SER A 82 11.19 -21.07 -5.57
CA SER A 82 12.58 -21.57 -5.80
C SER A 82 13.29 -20.50 -6.58
N GLY A 83 14.27 -19.86 -5.93
CA GLY A 83 14.93 -18.79 -6.77
C GLY A 83 13.90 -17.66 -6.76
N VAL A 84 13.71 -17.30 -5.55
CA VAL A 84 12.84 -16.21 -5.08
C VAL A 84 13.25 -14.98 -5.89
N GLN A 85 12.38 -14.05 -6.21
CA GLN A 85 12.89 -12.86 -6.97
C GLN A 85 12.45 -11.58 -6.29
N ALA A 86 13.19 -10.54 -6.60
CA ALA A 86 12.97 -9.19 -6.07
C ALA A 86 11.48 -8.98 -5.96
N GLU A 87 10.81 -9.23 -7.05
CA GLU A 87 9.36 -9.08 -7.09
C GLU A 87 8.62 -10.14 -6.29
N ASP A 88 9.15 -10.99 -5.48
CA ASP A 88 8.40 -11.99 -4.75
C ASP A 88 8.33 -11.53 -3.32
N LEU A 89 8.66 -10.28 -3.13
CA LEU A 89 8.63 -9.75 -1.72
C LEU A 89 7.18 -9.48 -1.37
N ALA A 90 6.67 -10.09 -0.33
CA ALA A 90 5.28 -9.88 0.06
C ALA A 90 4.81 -10.69 1.23
N VAL A 91 3.52 -10.55 1.56
CA VAL A 91 3.00 -11.42 2.69
C VAL A 91 2.17 -12.49 1.96
N TYR A 92 2.38 -13.70 2.35
CA TYR A 92 1.76 -14.88 1.86
C TYR A 92 0.82 -15.34 2.95
N TYR A 93 -0.42 -15.53 2.57
CA TYR A 93 -1.51 -15.99 3.45
C TYR A 93 -2.01 -17.34 2.96
N CYS A 94 -2.60 -18.10 3.81
CA CYS A 94 -3.10 -19.44 3.40
C CYS A 94 -4.49 -19.34 3.99
N GLN A 95 -5.49 -19.91 3.45
CA GLN A 95 -6.87 -19.82 3.99
C GLN A 95 -7.56 -21.16 3.87
N ASN A 96 -8.54 -21.45 4.65
CA ASN A 96 -9.40 -22.62 4.68
C ASN A 96 -10.65 -22.39 3.81
N ASN A 97 -10.76 -23.28 2.83
CA ASN A 97 -11.87 -23.38 1.87
C ASN A 97 -12.70 -24.62 2.09
N TYR A 98 -12.36 -25.40 3.07
CA TYR A 98 -13.04 -26.62 3.48
C TYR A 98 -14.39 -26.22 4.03
N ASN A 99 -14.46 -25.87 5.28
CA ASN A 99 -15.66 -25.41 5.97
C ASN A 99 -15.71 -23.94 6.38
N TYR A 100 -16.88 -23.41 6.60
CA TYR A 100 -17.20 -22.05 7.01
C TYR A 100 -16.98 -21.85 8.52
N PRO A 101 -16.53 -20.69 9.01
CA PRO A 101 -16.17 -19.51 8.21
C PRO A 101 -14.85 -19.88 7.53
N LEU A 102 -14.67 -19.30 6.38
CA LEU A 102 -13.43 -19.53 5.67
C LEU A 102 -12.34 -18.63 6.28
N THR A 103 -11.63 -19.04 7.28
CA THR A 103 -10.56 -18.38 8.00
C THR A 103 -9.21 -18.29 7.38
N PHE A 104 -8.54 -17.13 7.56
CA PHE A 104 -7.17 -16.96 6.93
C PHE A 104 -6.07 -17.17 7.98
N GLY A 105 -4.97 -17.78 7.63
CA GLY A 105 -3.81 -18.02 8.51
C GLY A 105 -3.29 -16.58 8.75
N ALA A 106 -2.24 -16.39 9.56
CA ALA A 106 -1.77 -15.02 9.85
C ALA A 106 -0.69 -14.32 9.07
N GLY A 107 -0.09 -14.88 8.09
CA GLY A 107 0.91 -14.33 7.22
C GLY A 107 2.28 -14.96 7.50
N THR A 108 3.15 -14.88 6.52
CA THR A 108 4.50 -15.15 6.32
C THR A 108 5.10 -14.02 5.48
N LYS A 109 5.82 -13.09 6.12
CA LYS A 109 6.45 -11.95 5.48
C LYS A 109 7.77 -12.37 4.86
N LEU A 110 8.03 -12.09 3.62
CA LEU A 110 9.24 -12.48 2.87
C LEU A 110 10.05 -11.23 2.54
N GLU A 111 11.06 -10.93 3.35
CA GLU A 111 11.93 -9.77 3.16
C GLU A 111 13.16 -10.23 2.41
N LEU A 112 13.84 -9.38 1.70
CA LEU A 112 15.04 -9.81 0.96
C LEU A 112 16.32 -9.19 1.57
N LYS A 113 17.39 -9.99 1.34
CA LYS A 113 18.76 -9.61 1.81
C LYS A 113 19.57 -9.21 0.58
N ARG A 114 20.45 -8.22 0.79
CA ARG A 114 21.28 -7.77 -0.35
C ARG A 114 22.50 -6.93 -0.05
N ALA A 115 23.23 -6.65 -1.15
CA ALA A 115 24.47 -5.86 -1.09
C ALA A 115 24.16 -4.49 -0.50
N ASP A 116 24.99 -4.04 0.38
CA ASP A 116 24.89 -2.71 1.03
C ASP A 116 24.87 -1.66 -0.10
N ALA A 117 24.24 -0.50 0.17
CA ALA A 117 24.29 0.51 -0.94
C ALA A 117 23.98 1.85 -0.32
N ALA A 118 24.62 2.90 -0.84
CA ALA A 118 24.42 4.23 -0.24
C ALA A 118 23.31 5.05 -0.84
N PRO A 119 22.76 5.81 0.10
CA PRO A 119 21.61 6.66 -0.22
C PRO A 119 22.08 7.59 -1.33
N THR A 120 21.16 8.23 -1.95
CA THR A 120 21.33 9.31 -2.95
C THR A 120 20.48 10.36 -2.26
N VAL A 121 20.97 11.55 -2.04
CA VAL A 121 20.27 12.60 -1.27
C VAL A 121 19.94 13.82 -2.07
N SER A 122 18.83 14.43 -1.80
CA SER A 122 18.51 15.66 -2.62
C SER A 122 17.73 16.53 -1.73
N ILE A 123 17.72 17.84 -1.89
CA ILE A 123 17.00 18.70 -0.91
C ILE A 123 16.16 19.74 -1.56
N PHE A 124 14.98 20.10 -1.02
CA PHE A 124 14.26 21.13 -1.84
C PHE A 124 13.88 22.27 -0.97
N PRO A 125 14.23 23.51 -1.33
CA PRO A 125 13.80 24.66 -0.49
C PRO A 125 12.25 24.64 -0.48
N PRO A 126 11.68 25.44 0.40
CA PRO A 126 10.22 25.58 0.45
C PRO A 126 9.79 25.95 -0.98
N SER A 127 8.59 26.32 -1.27
CA SER A 127 8.13 26.59 -2.63
C SER A 127 7.25 27.82 -2.57
N SER A 128 7.32 28.50 -3.72
CA SER A 128 6.50 29.76 -3.73
C SER A 128 5.09 29.45 -3.37
N GLU A 129 4.36 28.52 -4.04
CA GLU A 129 2.96 28.42 -3.53
C GLU A 129 2.91 28.28 -2.03
N GLN A 130 3.79 27.57 -1.34
CA GLN A 130 3.64 27.46 0.14
C GLN A 130 3.99 28.71 0.92
N LEU A 131 5.08 29.39 0.53
CA LEU A 131 5.52 30.56 1.35
C LEU A 131 4.37 31.56 1.49
N THR A 132 3.69 31.76 0.40
CA THR A 132 2.55 32.60 0.21
C THR A 132 1.52 32.29 1.30
N SER A 133 1.24 30.99 1.29
CA SER A 133 0.29 30.44 2.28
C SER A 133 0.80 30.78 3.68
N GLY A 134 2.06 31.18 3.68
CA GLY A 134 2.88 31.59 4.81
C GLY A 134 3.32 30.46 5.73
N GLY A 135 3.79 29.35 5.13
CA GLY A 135 4.31 28.12 5.80
C GLY A 135 5.52 27.70 4.90
N ALA A 136 6.42 26.96 5.55
CA ALA A 136 7.67 26.53 4.91
C ALA A 136 8.11 25.14 5.36
N SER A 137 8.29 24.27 4.36
CA SER A 137 8.65 22.86 4.51
C SER A 137 9.91 22.50 3.73
N VAL A 138 10.96 21.97 4.30
CA VAL A 138 12.19 21.65 3.53
C VAL A 138 12.21 20.14 3.43
N VAL A 139 12.27 19.57 2.27
CA VAL A 139 12.24 18.14 2.08
C VAL A 139 13.61 17.69 1.59
N CYS A 140 13.99 16.57 2.09
CA CYS A 140 15.22 15.85 1.69
C CYS A 140 14.85 14.36 1.41
N PHE A 141 15.23 13.78 0.31
CA PHE A 141 14.95 12.40 -0.04
C PHE A 141 16.29 11.62 -0.07
N LEU A 142 16.39 10.54 0.61
CA LEU A 142 17.51 9.62 0.70
C LEU A 142 17.06 8.31 0.00
N ASN A 143 17.37 8.13 -1.27
CA ASN A 143 16.87 6.95 -1.95
C ASN A 143 17.90 5.90 -2.33
N ASN A 144 17.39 4.70 -2.19
CA ASN A 144 18.04 3.49 -2.58
C ASN A 144 19.22 3.08 -1.75
N PHE A 145 18.99 3.00 -0.46
CA PHE A 145 20.08 2.51 0.43
C PHE A 145 19.68 1.06 0.69
N TYR A 146 20.39 0.43 1.55
CA TYR A 146 20.31 -0.95 2.03
C TYR A 146 21.62 -1.09 2.81
N PRO A 147 21.55 -1.37 4.09
CA PRO A 147 20.40 -1.68 4.91
C PRO A 147 19.49 -0.54 5.23
N LYS A 148 18.41 -0.86 5.93
CA LYS A 148 17.43 0.21 6.14
C LYS A 148 17.69 1.23 7.20
N ASP A 149 18.58 1.02 8.11
CA ASP A 149 18.96 1.96 9.20
C ASP A 149 19.78 3.12 8.68
N ILE A 150 19.23 4.29 8.86
CA ILE A 150 19.91 5.52 8.38
C ILE A 150 19.61 6.61 9.38
N ASN A 151 20.48 7.59 9.56
CA ASN A 151 20.20 8.67 10.55
C ASN A 151 20.26 10.01 9.79
N VAL A 152 19.17 10.73 9.88
CA VAL A 152 19.14 12.03 9.19
C VAL A 152 19.05 13.12 10.26
N LYS A 153 19.92 14.11 10.03
CA LYS A 153 19.98 15.26 10.92
C LYS A 153 19.78 16.49 10.07
N TRP A 154 19.05 17.43 10.60
CA TRP A 154 18.85 18.69 9.85
C TRP A 154 19.63 19.75 10.61
N LYS A 155 20.31 20.66 9.93
CA LYS A 155 20.99 21.75 10.71
C LYS A 155 20.52 23.05 10.11
N ILE A 156 20.21 24.02 10.90
CA ILE A 156 19.81 25.39 10.42
C ILE A 156 21.00 26.28 10.73
N ASP A 157 21.64 26.88 9.76
CA ASP A 157 22.89 27.64 9.97
C ASP A 157 23.78 26.75 10.82
N GLY A 158 23.94 25.49 10.72
CA GLY A 158 24.87 24.75 11.60
C GLY A 158 24.37 24.09 12.86
N SER A 159 23.23 24.39 13.39
CA SER A 159 22.63 23.80 14.57
C SER A 159 21.60 22.76 14.09
N GLU A 160 21.46 21.75 14.90
CA GLU A 160 20.55 20.67 14.66
C GLU A 160 19.13 21.04 15.09
N ARG A 161 18.13 20.60 14.38
CA ARG A 161 16.72 20.81 14.69
C ARG A 161 16.02 19.45 14.74
N GLN A 162 15.15 19.20 15.69
CA GLN A 162 14.46 17.88 15.75
C GLN A 162 12.94 18.10 15.72
N ASN A 163 12.63 19.22 16.32
CA ASN A 163 11.18 19.58 16.33
C ASN A 163 10.82 19.92 14.88
N GLY A 164 9.70 19.46 14.42
CA GLY A 164 9.08 19.69 13.13
C GLY A 164 9.57 18.83 11.99
N VAL A 165 10.18 17.72 12.33
CA VAL A 165 10.75 16.76 11.40
C VAL A 165 9.91 15.48 11.28
N LEU A 166 9.32 15.22 10.13
CA LEU A 166 8.63 13.94 9.89
C LEU A 166 9.50 13.00 9.03
N ASN A 167 9.91 11.84 9.48
CA ASN A 167 10.65 10.90 8.61
C ASN A 167 9.71 9.81 8.16
N SER A 168 10.06 9.03 7.15
CA SER A 168 9.17 7.97 6.60
C SER A 168 9.88 7.03 5.66
N TRP A 169 9.76 5.74 5.72
CA TRP A 169 10.48 4.84 4.78
C TRP A 169 9.56 4.19 3.76
N THR A 170 10.09 3.77 2.62
CA THR A 170 9.23 3.07 1.64
C THR A 170 9.46 1.59 1.98
N ASP A 171 8.86 0.64 1.33
CA ASP A 171 9.13 -0.80 1.74
C ASP A 171 10.23 -1.28 0.80
N GLN A 172 10.81 -2.47 0.91
CA GLN A 172 11.90 -2.76 -0.04
C GLN A 172 11.36 -2.61 -1.46
N ASP A 173 12.17 -1.96 -2.24
CA ASP A 173 11.86 -1.74 -3.65
C ASP A 173 11.61 -3.12 -4.26
N SER A 174 10.58 -3.21 -5.06
CA SER A 174 10.22 -4.50 -5.70
C SER A 174 11.21 -4.78 -6.82
N LYS A 175 11.98 -3.73 -7.17
CA LYS A 175 12.90 -4.00 -8.31
C LYS A 175 14.31 -4.19 -7.84
N ASP A 176 14.74 -3.49 -6.79
CA ASP A 176 16.13 -3.64 -6.34
C ASP A 176 16.31 -3.90 -4.87
N SER A 177 15.34 -4.31 -4.15
CA SER A 177 15.40 -4.67 -2.74
C SER A 177 15.82 -3.67 -1.69
N THR A 178 16.04 -2.47 -2.14
CA THR A 178 16.49 -1.25 -1.52
C THR A 178 15.49 -0.47 -0.70
N TYR A 179 15.90 0.50 0.12
CA TYR A 179 14.83 1.27 0.82
C TYR A 179 14.93 2.71 0.32
N SER A 180 13.98 3.50 0.66
CA SER A 180 13.97 4.93 0.33
C SER A 180 13.42 5.65 1.56
N MET A 181 13.84 6.85 1.84
CA MET A 181 13.29 7.53 3.03
C MET A 181 13.13 8.99 2.65
N SER A 182 12.24 9.70 3.30
CA SER A 182 12.05 11.13 3.00
C SER A 182 11.94 11.92 4.29
N SER A 183 12.77 12.99 4.49
CA SER A 183 12.62 13.74 5.75
C SER A 183 12.16 15.14 5.46
N THR A 184 11.11 15.58 6.11
CA THR A 184 10.55 16.93 5.80
C THR A 184 10.43 17.73 7.08
N LEU A 185 10.91 19.00 7.07
CA LEU A 185 10.87 19.86 8.27
C LEU A 185 10.00 21.10 8.03
N THR A 186 9.12 21.35 8.98
CA THR A 186 8.17 22.48 8.83
C THR A 186 8.48 23.60 9.78
N LEU A 187 8.60 24.79 9.23
CA LEU A 187 8.97 26.00 9.92
C LEU A 187 7.85 26.99 9.59
N THR A 188 7.90 28.08 10.29
CA THR A 188 6.88 29.16 10.01
C THR A 188 7.47 29.86 8.82
N LYS A 189 6.78 30.76 8.16
CA LYS A 189 7.39 31.49 7.02
C LYS A 189 8.50 32.38 7.61
N ASP A 190 8.36 32.71 8.86
CA ASP A 190 9.30 33.51 9.68
C ASP A 190 10.47 32.56 9.92
N GLU A 191 10.59 31.87 11.03
CA GLU A 191 11.68 30.89 11.14
C GLU A 191 12.35 30.70 9.77
N TYR A 192 11.57 30.37 8.70
CA TYR A 192 12.25 30.17 7.41
C TYR A 192 13.20 31.35 7.19
N GLU A 193 12.70 32.51 6.93
CA GLU A 193 13.54 33.69 6.62
C GLU A 193 14.55 34.14 7.62
N ARG A 194 14.41 33.80 8.89
CA ARG A 194 15.41 34.09 9.88
C ARG A 194 16.73 33.47 9.43
N HIS A 195 16.81 32.36 8.76
CA HIS A 195 18.02 31.74 8.33
C HIS A 195 18.22 31.68 6.84
N ASN A 196 19.35 31.14 6.45
CA ASN A 196 19.80 31.04 5.10
C ASN A 196 20.54 29.73 4.85
N SER A 197 21.18 29.09 5.77
CA SER A 197 21.82 27.86 5.20
C SER A 197 21.14 26.65 5.78
N TYR A 198 20.43 25.84 4.99
CA TYR A 198 19.76 24.58 5.53
C TYR A 198 20.53 23.36 5.09
N THR A 199 20.75 22.43 6.00
CA THR A 199 21.56 21.24 5.62
C THR A 199 20.82 19.97 6.04
N CYS A 200 20.88 19.03 5.15
CA CYS A 200 20.27 17.72 5.44
C CYS A 200 21.45 16.75 5.57
N GLU A 201 21.61 16.11 6.70
CA GLU A 201 22.73 15.18 6.79
C GLU A 201 22.36 13.75 7.06
N ALA A 202 22.79 12.83 6.19
CA ALA A 202 22.48 11.40 6.44
C ALA A 202 23.74 10.63 6.79
N THR A 203 23.55 9.70 7.69
CA THR A 203 24.65 8.85 8.18
C THR A 203 24.34 7.41 7.88
N HIS A 204 25.29 6.72 7.28
CA HIS A 204 24.93 5.29 6.94
C HIS A 204 26.19 4.49 6.71
N LYS A 205 26.19 3.33 7.33
CA LYS A 205 27.21 2.30 7.31
C LYS A 205 28.02 2.35 6.04
N THR A 206 27.31 2.66 4.99
CA THR A 206 27.83 2.79 3.65
C THR A 206 29.00 3.72 3.47
N SER A 207 29.06 4.75 4.28
CA SER A 207 30.11 5.80 4.22
C SER A 207 30.77 5.89 5.59
N THR A 208 31.79 6.70 5.73
CA THR A 208 32.46 6.76 7.08
C THR A 208 32.24 8.11 7.73
N SER A 209 31.94 9.00 6.78
CA SER A 209 31.60 10.41 6.96
C SER A 209 30.21 10.62 6.31
N PRO A 210 29.44 11.42 7.01
CA PRO A 210 28.08 11.77 6.65
C PRO A 210 27.93 12.28 5.20
N ILE A 211 26.79 11.93 4.60
CA ILE A 211 26.54 12.49 3.25
C ILE A 211 25.79 13.78 3.70
N VAL A 212 26.09 14.86 3.08
CA VAL A 212 25.49 16.16 3.42
C VAL A 212 25.00 16.83 2.14
N LYS A 213 23.82 17.43 2.19
CA LYS A 213 23.30 18.16 1.03
C LYS A 213 22.82 19.50 1.66
N SER A 214 23.03 20.62 1.01
CA SER A 214 22.67 21.93 1.52
C SER A 214 22.18 22.90 0.42
N PHE A 215 21.71 24.01 0.95
CA PHE A 215 21.22 25.07 0.06
C PHE A 215 21.26 26.43 0.76
N ASN A 216 21.19 27.55 0.04
CA ASN A 216 21.23 28.87 0.65
C ASN A 216 19.87 29.50 0.28
N ARG A 217 19.11 29.92 1.22
CA ARG A 217 17.79 30.51 0.96
C ARG A 217 17.92 31.43 -0.20
N ASN A 218 18.85 32.35 -0.29
CA ASN A 218 18.87 33.21 -1.54
C ASN A 218 19.68 32.51 -2.59
N GLU A 219 19.41 32.60 -3.86
CA GLU A 219 20.31 31.81 -4.79
C GLU A 219 19.63 31.67 -6.14
N GLU B 1 -11.07 -5.68 -20.34
CA GLU B 1 -10.40 -6.51 -19.29
C GLU B 1 -11.41 -6.68 -18.14
N VAL B 2 -11.75 -7.98 -18.02
CA VAL B 2 -12.68 -8.27 -16.86
C VAL B 2 -12.04 -7.63 -15.64
N GLN B 3 -12.82 -7.05 -14.77
CA GLN B 3 -12.28 -6.46 -13.53
C GLN B 3 -13.42 -6.29 -12.52
N LEU B 4 -13.07 -6.15 -11.24
CA LEU B 4 -14.12 -5.95 -10.21
C LEU B 4 -13.92 -4.51 -9.79
N GLN B 5 -14.80 -3.59 -9.65
CA GLN B 5 -14.53 -2.24 -9.23
C GLN B 5 -15.32 -1.96 -7.97
N GLN B 6 -14.81 -1.13 -7.12
CA GLN B 6 -15.43 -0.70 -5.86
C GLN B 6 -15.53 0.79 -5.71
N SER B 7 -16.23 1.23 -4.69
CA SER B 7 -16.57 2.51 -4.25
C SER B 7 -15.60 3.58 -3.86
N GLY B 8 -14.63 3.67 -3.01
CA GLY B 8 -14.10 5.16 -2.95
C GLY B 8 -14.22 5.47 -1.49
N ALA B 9 -13.04 5.66 -0.92
CA ALA B 9 -12.83 5.90 0.53
C ALA B 9 -13.90 6.78 1.11
N GLU B 10 -14.18 6.61 2.37
CA GLU B 10 -15.19 7.36 3.08
C GLU B 10 -14.75 7.49 4.56
N LEU B 11 -15.33 8.58 5.07
CA LEU B 11 -15.18 8.92 6.51
C LEU B 11 -16.65 8.90 7.03
N VAL B 12 -16.81 8.16 8.10
CA VAL B 12 -18.13 8.03 8.71
C VAL B 12 -17.90 8.24 10.19
N ARG B 13 -18.90 8.81 10.81
CA ARG B 13 -18.83 9.20 12.26
C ARG B 13 -19.16 7.89 12.94
N PRO B 14 -18.62 7.78 14.10
CA PRO B 14 -18.82 6.54 14.89
C PRO B 14 -20.33 6.42 15.12
N GLY B 15 -20.91 5.26 15.23
CA GLY B 15 -22.33 5.13 15.45
C GLY B 15 -23.15 5.17 14.20
N ALA B 16 -22.58 5.64 13.11
CA ALA B 16 -23.36 5.73 11.84
C ALA B 16 -23.16 4.42 11.11
N SER B 17 -23.50 4.32 9.83
CA SER B 17 -23.30 3.05 9.10
C SER B 17 -23.04 3.26 7.61
N VAL B 18 -22.34 2.41 6.91
CA VAL B 18 -22.02 2.73 5.48
C VAL B 18 -22.35 1.57 4.54
N LYS B 19 -22.61 1.85 3.30
CA LYS B 19 -22.98 0.94 2.23
C LYS B 19 -21.86 0.97 1.17
N LEU B 20 -21.02 -0.04 1.24
CA LEU B 20 -19.88 -0.10 0.27
C LEU B 20 -20.47 -0.88 -0.92
N SER B 21 -19.88 -0.68 -2.08
CA SER B 21 -20.49 -1.34 -3.27
C SER B 21 -19.44 -1.98 -4.15
N CYS B 22 -19.73 -3.03 -4.89
CA CYS B 22 -18.71 -3.73 -5.71
C CYS B 22 -19.23 -4.20 -7.04
N THR B 23 -18.97 -3.62 -8.17
CA THR B 23 -19.42 -3.99 -9.49
C THR B 23 -18.44 -4.71 -10.40
N THR B 24 -19.05 -5.61 -11.14
CA THR B 24 -18.27 -6.43 -12.14
C THR B 24 -18.06 -5.56 -13.37
N SER B 25 -17.02 -5.90 -14.05
CA SER B 25 -16.76 -5.13 -15.28
C SER B 25 -16.35 -6.13 -16.36
N GLY B 26 -17.33 -6.32 -17.26
CA GLY B 26 -17.17 -7.17 -18.42
C GLY B 26 -17.32 -8.66 -18.20
N PHE B 27 -18.33 -8.92 -17.37
CA PHE B 27 -18.71 -10.34 -17.05
C PHE B 27 -19.96 -10.13 -16.23
N ASN B 28 -20.64 -11.13 -15.71
CA ASN B 28 -21.89 -10.79 -14.97
C ASN B 28 -21.87 -11.49 -13.61
N ILE B 29 -22.36 -10.73 -12.64
CA ILE B 29 -22.39 -11.17 -11.27
C ILE B 29 -22.93 -12.55 -11.09
N LYS B 30 -24.04 -12.94 -11.64
CA LYS B 30 -24.61 -14.29 -11.48
C LYS B 30 -23.56 -15.30 -11.85
N ASP B 31 -22.59 -14.94 -12.68
CA ASP B 31 -21.54 -15.91 -13.02
C ASP B 31 -20.58 -16.18 -11.89
N ILE B 32 -20.59 -15.35 -10.80
CA ILE B 32 -19.67 -15.68 -9.69
C ILE B 32 -20.33 -15.67 -8.32
N TYR B 33 -19.49 -16.27 -7.43
CA TYR B 33 -19.74 -16.22 -5.98
C TYR B 33 -18.74 -15.14 -5.41
N ILE B 34 -19.24 -14.06 -4.97
CA ILE B 34 -18.63 -12.89 -4.41
C ILE B 34 -18.35 -12.92 -2.90
N HIS B 35 -17.07 -12.71 -2.56
CA HIS B 35 -16.66 -12.69 -1.14
C HIS B 35 -16.35 -11.29 -0.65
N TRP B 36 -16.38 -11.02 0.62
CA TRP B 36 -16.01 -9.73 1.18
C TRP B 36 -14.95 -10.00 2.28
N VAL B 37 -13.89 -9.21 2.22
CA VAL B 37 -12.78 -9.29 3.16
C VAL B 37 -12.31 -7.99 3.79
N LYS B 38 -12.12 -8.00 5.07
CA LYS B 38 -11.62 -6.77 5.77
C LYS B 38 -10.14 -6.84 5.99
N GLN B 39 -9.45 -5.75 5.99
CA GLN B 39 -7.97 -5.76 6.30
C GLN B 39 -7.70 -4.50 7.16
N ARG B 40 -7.30 -4.65 8.37
CA ARG B 40 -6.99 -3.55 9.30
C ARG B 40 -5.50 -3.20 9.17
N PRO B 41 -5.30 -1.92 9.48
CA PRO B 41 -3.98 -1.27 9.34
C PRO B 41 -2.91 -2.05 10.06
N GLU B 42 -2.03 -2.54 9.22
CA GLU B 42 -0.93 -3.38 9.69
C GLU B 42 -1.45 -4.74 10.15
N GLN B 43 -2.76 -4.96 10.31
CA GLN B 43 -3.31 -6.28 10.71
C GLN B 43 -3.31 -7.17 9.44
N GLY B 44 -3.81 -8.41 9.61
CA GLY B 44 -3.93 -9.39 8.52
C GLY B 44 -5.34 -9.46 7.97
N LEU B 45 -5.63 -10.40 7.06
CA LEU B 45 -6.92 -10.54 6.38
C LEU B 45 -7.99 -11.30 7.15
N GLU B 46 -9.21 -10.73 7.15
CA GLU B 46 -10.34 -11.40 7.76
C GLU B 46 -11.51 -11.56 6.78
N TRP B 47 -11.91 -12.77 6.48
CA TRP B 47 -13.07 -13.10 5.64
C TRP B 47 -14.30 -12.58 6.32
N ILE B 48 -15.22 -11.89 5.76
CA ILE B 48 -16.45 -11.37 6.42
C ILE B 48 -17.72 -12.14 6.12
N GLY B 49 -17.78 -12.53 4.82
CA GLY B 49 -18.99 -13.21 4.36
C GLY B 49 -18.94 -13.46 2.87
N ARG B 50 -19.95 -14.24 2.45
CA ARG B 50 -19.95 -14.51 0.98
C ARG B 50 -21.36 -14.50 0.50
N LEU B 51 -21.55 -14.19 -0.76
CA LEU B 51 -22.85 -14.12 -1.41
C LEU B 51 -22.94 -14.97 -2.68
N ASP B 52 -24.18 -15.47 -2.76
CA ASP B 52 -24.62 -16.28 -3.92
C ASP B 52 -25.67 -15.41 -4.66
N PRO B 53 -25.30 -14.75 -5.74
CA PRO B 53 -26.29 -13.93 -6.51
C PRO B 53 -27.36 -14.80 -7.15
N ALA B 54 -27.19 -16.08 -7.45
CA ALA B 54 -28.33 -16.89 -7.93
C ALA B 54 -29.53 -16.87 -6.98
N ASN B 55 -29.52 -17.32 -5.74
CA ASN B 55 -30.54 -17.35 -4.74
C ASN B 55 -30.63 -16.17 -3.76
N GLY B 56 -29.55 -15.43 -3.61
CA GLY B 56 -29.52 -14.31 -2.65
C GLY B 56 -29.19 -14.86 -1.27
N TYR B 57 -28.68 -16.05 -1.06
CA TYR B 57 -28.31 -16.48 0.28
C TYR B 57 -26.85 -16.02 0.54
N THR B 58 -26.63 -15.47 1.71
CA THR B 58 -25.34 -14.91 2.13
C THR B 58 -25.02 -15.70 3.39
N LYS B 59 -23.81 -15.86 3.69
CA LYS B 59 -23.25 -16.65 4.81
C LYS B 59 -22.09 -15.80 5.30
N TYR B 60 -21.91 -15.66 6.58
CA TYR B 60 -20.94 -14.81 7.28
C TYR B 60 -20.13 -15.50 8.36
N ASP B 61 -19.21 -14.72 8.91
CA ASP B 61 -18.40 -15.19 10.10
C ASP B 61 -19.39 -14.83 11.26
N PRO B 62 -19.67 -15.76 12.14
CA PRO B 62 -20.59 -15.44 13.23
C PRO B 62 -20.20 -14.09 13.78
N LYS B 63 -18.92 -13.75 13.75
CA LYS B 63 -18.31 -12.51 14.22
C LYS B 63 -18.83 -11.22 13.64
N PHE B 64 -19.19 -11.25 12.37
CA PHE B 64 -19.70 -10.05 11.65
C PHE B 64 -21.19 -10.14 11.36
N GLN B 65 -21.83 -11.21 11.77
CA GLN B 65 -23.26 -11.36 11.40
C GLN B 65 -24.10 -10.17 11.82
N GLY B 66 -23.91 -9.58 12.98
CA GLY B 66 -24.73 -8.47 13.43
C GLY B 66 -24.38 -7.11 12.95
N LYS B 67 -23.33 -6.96 12.21
CA LYS B 67 -22.82 -5.67 11.72
C LYS B 67 -22.84 -5.66 10.23
N ALA B 68 -22.67 -6.79 9.59
CA ALA B 68 -22.63 -6.98 8.15
C ALA B 68 -23.87 -7.53 7.45
N THR B 69 -24.07 -7.03 6.21
CA THR B 69 -25.17 -7.46 5.35
C THR B 69 -24.82 -7.38 3.89
N ILE B 70 -24.82 -8.48 3.15
CA ILE B 70 -24.51 -8.42 1.68
C ILE B 70 -25.81 -8.47 0.92
N THR B 71 -25.96 -7.75 -0.10
CA THR B 71 -27.11 -7.51 -0.96
C THR B 71 -26.62 -7.42 -2.36
N VAL B 72 -27.53 -7.67 -3.28
CA VAL B 72 -27.01 -7.62 -4.70
C VAL B 72 -28.06 -6.99 -5.58
N ASP B 73 -27.56 -6.42 -6.65
CA ASP B 73 -28.54 -5.85 -7.63
C ASP B 73 -28.12 -6.43 -8.97
N THR B 74 -28.45 -7.70 -9.13
CA THR B 74 -28.09 -8.41 -10.38
C THR B 74 -28.39 -7.58 -11.62
N SER B 75 -29.32 -6.62 -11.56
CA SER B 75 -29.54 -5.79 -12.77
C SER B 75 -28.41 -4.79 -12.97
N SER B 76 -27.86 -4.24 -11.88
CA SER B 76 -26.72 -3.29 -12.19
C SER B 76 -25.42 -4.03 -11.87
N ASN B 77 -25.45 -5.35 -11.74
CA ASN B 77 -24.24 -6.14 -11.52
C ASN B 77 -23.38 -5.68 -10.37
N THR B 78 -24.02 -5.30 -9.31
CA THR B 78 -23.38 -4.70 -8.15
C THR B 78 -23.72 -5.44 -6.87
N ALA B 79 -22.72 -5.74 -6.03
CA ALA B 79 -23.02 -6.34 -4.71
C ALA B 79 -22.88 -5.20 -3.68
N TYR B 80 -23.36 -5.29 -2.44
CA TYR B 80 -23.20 -4.22 -1.46
C TYR B 80 -22.88 -4.74 -0.05
N LEU B 81 -22.12 -4.03 0.75
CA LEU B 81 -21.75 -4.33 2.14
C LEU B 81 -22.28 -3.08 2.90
N HIS B 82 -23.16 -3.36 3.82
CA HIS B 82 -23.81 -2.35 4.62
C HIS B 82 -23.24 -2.68 5.98
N LEU B 83 -22.47 -1.73 6.51
CA LEU B 83 -21.83 -2.00 7.81
C LEU B 83 -22.58 -1.08 8.73
N SER B 84 -22.89 -1.55 9.93
CA SER B 84 -23.61 -0.54 10.77
C SER B 84 -23.11 -0.44 12.15
N SER B 85 -23.59 0.61 12.79
CA SER B 85 -23.15 0.89 14.18
C SER B 85 -21.59 0.85 14.28
N LEU B 86 -20.96 1.61 13.40
CA LEU B 86 -19.54 1.73 13.22
C LEU B 86 -18.91 2.33 14.49
N THR B 87 -17.73 1.88 14.78
CA THR B 87 -16.65 1.88 15.68
C THR B 87 -15.28 2.05 15.04
N SER B 88 -14.34 2.12 15.93
CA SER B 88 -12.93 2.33 15.57
C SER B 88 -12.39 1.07 14.93
N GLU B 89 -12.84 -0.05 15.42
CA GLU B 89 -12.37 -1.33 14.93
C GLU B 89 -12.92 -1.54 13.55
N ASP B 90 -13.87 -0.72 13.12
CA ASP B 90 -14.37 -0.88 11.78
C ASP B 90 -13.54 -0.03 10.80
N THR B 91 -12.38 0.47 11.11
CA THR B 91 -11.51 1.27 10.23
C THR B 91 -10.58 0.27 9.56
N ALA B 92 -10.67 0.15 8.25
CA ALA B 92 -9.91 -0.79 7.42
C ALA B 92 -10.18 -0.57 5.93
N VAL B 93 -9.38 -1.30 5.18
CA VAL B 93 -9.65 -1.36 3.71
C VAL B 93 -10.57 -2.63 3.43
N TYR B 94 -11.77 -2.51 2.87
CA TYR B 94 -12.64 -3.68 2.56
C TYR B 94 -12.56 -4.21 1.12
N TYR B 95 -12.13 -5.47 0.94
CA TYR B 95 -12.11 -5.90 -0.47
C TYR B 95 -13.32 -6.79 -0.76
N CYS B 96 -13.53 -6.96 -2.03
CA CYS B 96 -14.56 -7.83 -2.68
C CYS B 96 -13.79 -8.59 -3.72
N ASP B 97 -14.13 -9.85 -3.83
CA ASP B 97 -13.39 -10.76 -4.80
C ASP B 97 -14.25 -11.91 -5.28
N GLY B 98 -13.88 -12.53 -6.39
CA GLY B 98 -14.63 -13.72 -6.89
C GLY B 98 -13.89 -14.55 -7.92
N TYR B 99 -14.03 -15.86 -7.82
CA TYR B 99 -13.42 -16.78 -8.80
C TYR B 99 -14.32 -16.80 -10.03
N TYR B 100 -13.64 -16.71 -11.17
CA TYR B 100 -14.34 -16.75 -12.47
C TYR B 100 -13.67 -17.73 -13.42
N SER B 101 -14.28 -18.90 -13.50
CA SER B 101 -13.93 -20.12 -14.23
C SER B 101 -13.27 -20.00 -15.54
N TYR B 102 -13.95 -19.33 -16.41
CA TYR B 102 -13.59 -18.96 -17.78
C TYR B 102 -12.20 -18.36 -17.81
N TYR B 103 -11.89 -17.54 -16.78
CA TYR B 103 -10.52 -16.93 -16.89
C TYR B 103 -9.63 -17.68 -15.94
N ASP B 104 -10.23 -18.55 -15.13
CA ASP B 104 -9.41 -19.29 -14.12
C ASP B 104 -8.60 -18.22 -13.34
N MET B 105 -9.45 -17.39 -12.75
CA MET B 105 -8.86 -16.20 -12.06
C MET B 105 -9.78 -15.57 -11.07
N ASP B 106 -9.29 -15.35 -9.87
CA ASP B 106 -9.93 -14.71 -8.70
C ASP B 106 -9.76 -13.21 -8.88
N TYR B 107 -10.72 -12.43 -9.23
CA TYR B 107 -10.55 -11.00 -9.41
C TYR B 107 -10.74 -10.31 -8.05
N TRP B 108 -9.81 -9.46 -7.64
CA TRP B 108 -9.99 -8.67 -6.40
C TRP B 108 -10.23 -7.19 -6.71
N GLY B 109 -11.13 -6.53 -5.94
CA GLY B 109 -11.29 -5.07 -6.20
C GLY B 109 -10.10 -4.42 -5.50
N PRO B 110 -10.00 -3.11 -5.79
CA PRO B 110 -8.94 -2.23 -5.26
C PRO B 110 -9.04 -1.86 -3.78
N GLY B 111 -10.05 -2.29 -3.09
CA GLY B 111 -10.37 -2.03 -1.75
C GLY B 111 -11.02 -0.63 -1.71
N THR B 112 -11.83 -0.35 -0.73
CA THR B 112 -12.55 0.78 -0.33
C THR B 112 -12.14 0.98 1.16
N SER B 113 -11.46 2.08 1.31
CA SER B 113 -10.92 2.45 2.65
C SER B 113 -11.98 3.12 3.42
N VAL B 114 -12.40 2.63 4.57
CA VAL B 114 -13.42 3.30 5.43
C VAL B 114 -12.76 3.83 6.70
N THR B 115 -12.86 5.09 7.02
CA THR B 115 -12.26 5.63 8.26
C THR B 115 -13.45 6.10 9.15
N VAL B 116 -13.47 5.58 10.34
CA VAL B 116 -14.47 5.88 11.37
C VAL B 116 -13.83 6.90 12.33
N SER B 117 -14.38 8.09 12.35
CA SER B 117 -13.84 9.21 13.14
C SER B 117 -14.79 10.37 13.17
N SER B 118 -14.65 11.27 14.15
CA SER B 118 -15.60 12.44 14.11
C SER B 118 -14.91 13.67 13.50
N ALA B 119 -13.67 13.48 13.10
CA ALA B 119 -12.93 14.63 12.53
C ALA B 119 -13.54 15.12 11.23
N LYS B 120 -13.04 16.19 10.66
CA LYS B 120 -13.67 16.65 9.40
C LYS B 120 -12.72 16.24 8.27
N THR B 121 -13.26 16.21 7.09
CA THR B 121 -12.46 15.78 5.94
C THR B 121 -11.81 17.04 5.48
N THR B 122 -10.53 17.03 5.22
CA THR B 122 -9.91 18.32 4.76
C THR B 122 -9.06 17.89 3.57
N ALA B 123 -9.15 18.47 2.41
CA ALA B 123 -8.43 18.14 1.19
C ALA B 123 -6.99 18.67 1.22
N PRO B 124 -6.05 18.03 0.51
CA PRO B 124 -4.66 18.40 0.57
C PRO B 124 -4.21 19.66 -0.06
N SER B 125 -2.98 20.09 0.28
CA SER B 125 -2.50 21.34 -0.52
C SER B 125 -1.38 20.60 -1.23
N VAL B 126 -1.20 20.74 -2.47
CA VAL B 126 -0.10 19.94 -3.09
C VAL B 126 0.99 20.90 -3.51
N TYR B 127 2.28 20.61 -3.33
CA TYR B 127 3.23 21.63 -3.83
C TYR B 127 4.27 20.96 -4.66
N PRO B 128 4.53 21.52 -5.79
CA PRO B 128 5.57 21.07 -6.71
C PRO B 128 6.94 21.40 -6.13
N LEU B 129 7.89 20.49 -6.07
CA LEU B 129 9.19 20.55 -5.60
C LEU B 129 10.23 20.55 -6.69
N ALA B 130 10.57 21.70 -7.22
CA ALA B 130 11.72 21.76 -8.20
C ALA B 130 13.05 21.78 -7.41
N PRO B 131 14.06 21.30 -8.14
CA PRO B 131 15.42 21.21 -7.59
C PRO B 131 15.91 22.58 -7.20
N VAL B 132 17.07 22.61 -6.59
CA VAL B 132 17.69 23.91 -6.18
C VAL B 132 18.59 24.35 -7.34
N CYS B 133 18.48 25.60 -7.72
CA CYS B 133 19.25 26.17 -8.84
C CYS B 133 20.33 25.29 -9.45
N SER B 139 22.84 14.68 -16.06
CA SER B 139 22.65 13.24 -16.27
C SER B 139 21.23 12.77 -15.88
N SER B 140 20.96 13.00 -14.62
CA SER B 140 19.69 12.72 -13.94
C SER B 140 19.35 13.85 -12.95
N VAL B 141 18.06 14.17 -12.86
CA VAL B 141 17.57 15.24 -11.96
C VAL B 141 16.30 14.78 -11.29
N THR B 142 16.23 14.79 -9.97
CA THR B 142 15.04 14.31 -9.29
C THR B 142 14.15 15.31 -8.67
N LEU B 143 12.84 15.17 -8.97
CA LEU B 143 11.76 16.06 -8.53
C LEU B 143 10.88 15.51 -7.50
N GLY B 144 9.84 16.20 -7.06
CA GLY B 144 9.04 15.50 -5.95
C GLY B 144 7.82 16.42 -5.85
N CYS B 145 6.82 15.96 -5.16
CA CYS B 145 5.57 16.60 -4.82
C CYS B 145 5.33 16.43 -3.30
N LEU B 146 4.72 17.49 -2.74
CA LEU B 146 4.37 17.35 -1.30
C LEU B 146 2.88 17.51 -1.17
N VAL B 147 2.31 16.51 -0.48
CA VAL B 147 0.83 16.53 -0.32
C VAL B 147 0.63 16.79 1.15
N LYS B 148 0.07 17.91 1.51
CA LYS B 148 0.03 18.22 2.95
C LYS B 148 -1.18 18.64 3.67
N GLY B 149 -1.49 18.12 4.86
CA GLY B 149 -2.60 18.51 5.67
C GLY B 149 -3.90 17.99 5.14
N TYR B 150 -4.00 16.67 5.06
CA TYR B 150 -5.24 16.05 4.51
C TYR B 150 -5.77 15.00 5.43
N PHE B 151 -7.04 14.68 5.22
CA PHE B 151 -7.69 13.68 6.14
C PHE B 151 -9.03 13.31 5.51
N PRO B 152 -9.39 12.08 5.42
CA PRO B 152 -8.63 10.90 5.91
C PRO B 152 -7.78 10.30 4.83
N GLU B 153 -7.11 9.18 5.06
CA GLU B 153 -6.28 8.62 3.95
C GLU B 153 -7.27 7.90 3.02
N PRO B 154 -6.95 7.43 1.87
CA PRO B 154 -5.67 7.53 1.19
C PRO B 154 -5.74 8.68 0.20
N VAL B 155 -4.70 8.92 -0.51
CA VAL B 155 -4.57 9.82 -1.61
C VAL B 155 -3.94 8.91 -2.74
N THR B 156 -4.27 9.32 -3.95
CA THR B 156 -3.62 8.57 -5.08
C THR B 156 -2.72 9.57 -5.77
N LEU B 157 -1.45 9.42 -5.87
CA LEU B 157 -0.48 10.28 -6.50
C LEU B 157 0.23 9.47 -7.62
N THR B 158 0.31 10.05 -8.81
CA THR B 158 0.95 9.44 -9.96
C THR B 158 1.57 10.61 -10.73
N TRP B 159 2.45 10.22 -11.64
CA TRP B 159 3.17 11.21 -12.48
C TRP B 159 2.89 11.11 -13.96
N ASN B 160 2.63 12.22 -14.61
CA ASN B 160 2.41 12.25 -16.09
C ASN B 160 1.34 11.22 -16.28
N SER B 161 0.47 11.25 -15.30
CA SER B 161 -0.71 10.43 -15.13
C SER B 161 -0.54 8.96 -15.33
N GLY B 162 0.56 8.39 -15.06
CA GLY B 162 0.79 6.94 -15.19
C GLY B 162 1.99 6.60 -16.07
N SER B 163 2.27 7.55 -16.97
CA SER B 163 3.36 7.34 -17.93
C SER B 163 4.66 6.97 -17.23
N LEU B 164 5.17 8.04 -16.65
CA LEU B 164 6.45 8.16 -15.89
C LEU B 164 6.14 7.33 -14.67
N SER B 165 6.76 6.22 -14.45
CA SER B 165 6.48 5.30 -13.34
C SER B 165 7.77 4.58 -12.94
N SER B 166 8.77 4.86 -13.77
CA SER B 166 10.07 4.22 -13.47
C SER B 166 10.87 5.17 -12.59
N GLY B 167 11.34 4.57 -11.52
CA GLY B 167 12.15 5.39 -10.55
C GLY B 167 11.29 6.51 -9.97
N VAL B 168 10.13 6.12 -9.46
CA VAL B 168 9.16 7.02 -8.84
C VAL B 168 9.19 6.48 -7.42
N HIS B 169 9.11 7.20 -6.35
CA HIS B 169 9.05 6.62 -5.00
C HIS B 169 7.97 7.44 -4.22
N THR B 170 7.07 6.78 -3.58
CA THR B 170 5.96 7.42 -2.90
C THR B 170 6.11 7.13 -1.45
N PHE B 171 5.90 8.12 -0.55
CA PHE B 171 6.20 7.69 0.83
C PHE B 171 4.95 7.54 1.63
N PRO B 172 4.92 6.43 2.33
CA PRO B 172 3.78 6.14 3.21
C PRO B 172 3.43 7.43 3.95
N ALA B 173 2.29 7.90 4.24
CA ALA B 173 1.81 9.10 4.86
C ALA B 173 2.07 9.02 6.35
N VAL B 174 2.28 10.07 7.02
CA VAL B 174 2.52 10.26 8.43
C VAL B 174 1.54 11.27 9.05
N LEU B 175 1.11 11.00 10.25
CA LEU B 175 0.11 11.90 10.91
C LEU B 175 0.82 12.84 11.84
N GLN B 176 0.16 13.96 12.10
CA GLN B 176 0.84 14.97 13.00
C GLN B 176 -0.12 16.13 13.00
N SER B 177 -1.04 16.16 13.95
CA SER B 177 -2.05 17.26 13.96
C SER B 177 -3.40 16.60 13.63
N ASP B 178 -3.25 15.30 13.35
CA ASP B 178 -4.44 14.52 12.94
C ASP B 178 -4.80 15.10 11.56
N LEU B 179 -3.83 15.15 10.73
CA LEU B 179 -3.80 15.53 9.32
C LEU B 179 -2.60 14.66 8.84
N TYR B 180 -2.53 14.20 7.65
CA TYR B 180 -1.45 13.44 7.06
C TYR B 180 -0.58 14.25 6.10
N THR B 181 0.63 13.74 5.83
CA THR B 181 1.48 14.41 4.87
C THR B 181 2.15 13.23 4.14
N LEU B 182 2.31 13.43 2.87
CA LEU B 182 2.95 12.50 1.94
C LEU B 182 3.71 13.28 0.88
N SER B 183 4.70 12.66 0.34
CA SER B 183 5.56 13.17 -0.72
C SER B 183 5.98 11.99 -1.59
N SER B 184 6.29 12.38 -2.79
CA SER B 184 6.76 11.31 -3.75
C SER B 184 7.90 11.90 -4.52
N SER B 185 8.91 11.16 -4.92
CA SER B 185 9.98 11.79 -5.74
C SER B 185 9.99 11.03 -7.05
N VAL B 186 10.58 11.51 -8.10
CA VAL B 186 10.75 10.87 -9.38
C VAL B 186 12.13 11.17 -9.95
N THR B 187 12.91 10.15 -10.23
CA THR B 187 14.21 10.53 -10.87
C THR B 187 14.13 10.10 -12.33
N VAL B 188 14.50 11.05 -13.17
CA VAL B 188 14.53 11.02 -14.61
C VAL B 188 15.93 11.38 -15.13
N THR B 189 16.07 11.14 -16.45
CA THR B 189 17.36 11.51 -17.05
C THR B 189 17.16 12.99 -17.43
N SER B 190 18.23 13.65 -17.16
CA SER B 190 18.43 15.07 -17.24
C SER B 190 18.20 15.73 -18.56
N SER B 191 17.95 15.00 -19.61
CA SER B 191 17.70 15.68 -20.92
C SER B 191 16.22 16.10 -20.87
N THR B 192 15.49 15.11 -20.35
CA THR B 192 14.07 15.08 -20.16
C THR B 192 13.46 16.35 -19.56
N TRP B 193 14.13 16.81 -18.51
CA TRP B 193 13.67 18.01 -17.79
C TRP B 193 14.58 19.22 -17.78
N PRO B 194 14.03 20.40 -18.05
CA PRO B 194 12.62 20.64 -18.36
C PRO B 194 12.36 20.66 -19.84
N SER B 195 12.80 19.62 -20.56
CA SER B 195 12.49 19.70 -22.05
C SER B 195 11.00 19.31 -22.07
N GLN B 196 10.86 18.07 -21.68
CA GLN B 196 9.61 17.32 -21.54
C GLN B 196 9.16 17.60 -20.09
N SER B 197 7.98 18.13 -19.99
CA SER B 197 7.27 18.48 -18.78
C SER B 197 6.88 17.34 -17.84
N ILE B 198 6.97 17.58 -16.53
CA ILE B 198 6.63 16.65 -15.45
C ILE B 198 5.46 17.20 -14.65
N THR B 199 4.47 16.33 -14.42
CA THR B 199 3.25 16.73 -13.73
C THR B 199 2.91 15.66 -12.70
N CYS B 200 2.50 16.19 -11.57
CA CYS B 200 2.18 15.38 -10.38
C CYS B 200 0.69 15.51 -10.17
N ASN B 201 0.07 14.34 -10.24
CA ASN B 201 -1.40 14.17 -10.20
C ASN B 201 -1.79 13.61 -8.87
N VAL B 202 -2.69 14.31 -8.21
CA VAL B 202 -3.03 13.80 -6.83
C VAL B 202 -4.52 13.73 -6.74
N ALA B 203 -5.06 12.72 -6.14
CA ALA B 203 -6.53 12.60 -5.99
C ALA B 203 -6.82 12.15 -4.53
N HIS B 204 -7.75 12.79 -3.89
CA HIS B 204 -8.13 12.47 -2.52
C HIS B 204 -9.60 12.07 -2.57
N PRO B 205 -9.96 10.81 -2.69
CA PRO B 205 -11.34 10.33 -2.85
C PRO B 205 -12.35 10.80 -1.83
N ALA B 206 -11.99 10.68 -0.57
CA ALA B 206 -12.87 11.01 0.54
C ALA B 206 -13.36 12.43 0.51
N SER B 207 -12.79 13.33 -0.27
CA SER B 207 -13.26 14.75 -0.25
C SER B 207 -13.56 15.17 -1.69
N SER B 208 -13.44 14.17 -2.54
CA SER B 208 -13.72 14.28 -3.96
C SER B 208 -13.07 15.50 -4.54
N THR B 209 -11.79 15.55 -4.57
CA THR B 209 -10.99 16.69 -5.05
C THR B 209 -9.87 16.15 -5.91
N LYS B 210 -9.37 16.82 -6.91
CA LYS B 210 -8.23 16.16 -7.61
C LYS B 210 -7.29 17.32 -7.96
N VAL B 211 -5.99 17.10 -8.04
CA VAL B 211 -5.14 18.23 -8.41
C VAL B 211 -3.97 17.82 -9.25
N ASP B 212 -3.77 18.70 -10.21
CA ASP B 212 -2.67 18.54 -11.21
C ASP B 212 -1.57 19.56 -10.93
N LYS B 213 -0.35 19.21 -10.56
CA LYS B 213 0.65 20.32 -10.36
C LYS B 213 1.87 20.12 -11.19
N LYS B 214 2.15 21.11 -12.04
CA LYS B 214 3.37 20.98 -12.93
C LYS B 214 4.59 21.54 -12.22
N ILE B 215 5.64 20.73 -12.32
CA ILE B 215 6.94 21.08 -11.70
C ILE B 215 7.75 21.89 -12.72
N GLU B 216 7.71 23.18 -12.51
CA GLU B 216 8.56 24.01 -13.42
C GLU B 216 9.87 24.30 -12.69
N PRO B 217 10.91 24.64 -13.43
CA PRO B 217 12.24 24.96 -12.89
C PRO B 217 12.21 26.18 -12.01
N ARG B 218 13.16 26.34 -11.09
CA ARG B 218 13.05 27.62 -10.30
C ARG B 218 14.25 28.51 -10.53
#